data_8C1M
#
_entry.id   8C1M
#
_cell.length_a   82.82
_cell.length_b   82.82
_cell.length_c   139
_cell.angle_alpha   90
_cell.angle_beta   90
_cell.angle_gamma   90
#
_symmetry.space_group_name_H-M   'P 41 21 2'
#
loop_
_entity.id
_entity.type
_entity.pdbx_description
1 polymer 'Aurora kinase A'
2 non-polymer 'MAGNESIUM ION'
3 non-polymer '3-oxidanyl-5-[4-(trifluoromethyloxy)phenyl]benzoic acid'
4 non-polymer "ADENOSINE-5'-DIPHOSPHATE"
#
_entity_poly.entity_id   1
_entity_poly.type   'polypeptide(L)'
_entity_poly.pdbx_seq_one_letter_code
;QGSMGSKRQWALEDFEIGRPLGKGKFGNVYLAREKQSKFILALKVLFKAQLEKAGVEHQLRREVEIQSHLRHPNILRLYG
YFHDATRVYLILEYAPLGTVYRELQKLSKFDEQRTATYITELANALSYCHSKRVIHRDIKPENLLLGSAGELKIADFGWS
VHAPSSRRT(TPO)LCGTLDYLPPEMIEGRMHDEKVDLWSLGVLCYEFLVGKPPFEANTYQETYKRISRVEFTFPDFVTE
GARDLISRLLKHNPSQRPMLREVLEHPWITANSSKPS
;
_entity_poly.pdbx_strand_id   A
#
loop_
_chem_comp.id
_chem_comp.type
_chem_comp.name
_chem_comp.formula
ADP non-polymer ADENOSINE-5'-DIPHOSPHATE 'C10 H15 N5 O10 P2'
MG non-polymer 'MAGNESIUM ION' 'Mg 2'
T4X non-polymer '3-oxidanyl-5-[4-(trifluoromethyloxy)phenyl]benzoic acid' 'C14 H9 F3 O4'
#
# COMPACT_ATOMS: atom_id res chain seq x y z
N GLN A 9 5.02 8.17 -26.22
CA GLN A 9 6.25 7.45 -26.54
C GLN A 9 7.51 8.22 -26.10
N TRP A 10 7.91 8.04 -24.82
CA TRP A 10 9.06 8.73 -24.25
C TRP A 10 10.36 7.93 -24.31
N ALA A 11 11.49 8.57 -23.99
CA ALA A 11 12.83 7.96 -23.98
C ALA A 11 13.65 8.53 -22.80
N LEU A 12 14.72 7.86 -22.39
CA LEU A 12 15.56 8.35 -21.28
C LEU A 12 16.13 9.73 -21.56
N GLU A 13 16.44 10.02 -22.82
CA GLU A 13 16.94 11.33 -23.24
C GLU A 13 15.91 12.46 -23.04
N ASP A 14 14.61 12.13 -22.99
CA ASP A 14 13.59 13.13 -22.72
C ASP A 14 13.53 13.55 -21.24
N PHE A 15 14.43 13.03 -20.38
CA PHE A 15 14.41 13.36 -18.95
C PHE A 15 15.77 13.77 -18.39
N GLU A 16 15.72 14.66 -17.40
CA GLU A 16 16.86 15.17 -16.63
C GLU A 16 16.67 14.50 -15.26
N ILE A 17 17.61 13.63 -14.85
CA ILE A 17 17.46 12.86 -13.64
C ILE A 17 18.22 13.46 -12.46
N GLY A 18 17.53 13.51 -11.32
CA GLY A 18 18.07 14.03 -10.07
C GLY A 18 18.37 12.95 -9.04
N ARG A 19 18.15 13.26 -7.76
CA ARG A 19 18.44 12.39 -6.61
C ARG A 19 17.51 11.19 -6.51
N PRO A 20 17.95 10.09 -5.85
CA PRO A 20 17.04 8.95 -5.65
C PRO A 20 15.99 9.25 -4.58
N LEU A 21 14.74 8.85 -4.85
CA LEU A 21 13.57 9.04 -4.01
C LEU A 21 13.33 7.85 -3.07
N GLY A 22 13.59 6.65 -3.56
CA GLY A 22 13.39 5.44 -2.76
C GLY A 22 14.00 4.22 -3.40
N LYS A 23 14.16 3.16 -2.61
CA LYS A 23 14.75 1.93 -3.10
C LYS A 23 13.69 0.86 -3.30
N GLY A 24 13.72 0.25 -4.46
CA GLY A 24 12.81 -0.85 -4.77
C GLY A 24 13.57 -2.16 -4.85
N LYS A 25 12.85 -3.28 -4.75
CA LYS A 25 13.49 -4.59 -4.83
C LYS A 25 14.00 -4.94 -6.25
N PHE A 26 13.68 -4.12 -7.26
CA PHE A 26 14.17 -4.37 -8.63
C PHE A 26 14.86 -3.16 -9.27
N GLY A 27 15.21 -2.16 -8.47
CA GLY A 27 15.83 -0.92 -8.93
C GLY A 27 15.26 0.27 -8.19
N ASN A 28 15.99 1.39 -8.18
CA ASN A 28 15.53 2.58 -7.47
C ASN A 28 14.52 3.43 -8.24
N VAL A 29 13.78 4.27 -7.52
CA VAL A 29 12.88 5.24 -8.13
C VAL A 29 13.58 6.60 -7.96
N TYR A 30 13.78 7.32 -9.07
CA TYR A 30 14.53 8.56 -9.06
C TYR A 30 13.67 9.78 -9.29
N LEU A 31 14.07 10.92 -8.74
CA LEU A 31 13.41 12.20 -8.99
C LEU A 31 13.83 12.63 -10.41
N ALA A 32 12.90 13.13 -11.22
CA ALA A 32 13.23 13.50 -12.61
C ALA A 32 12.37 14.65 -13.15
N ARG A 33 12.87 15.35 -14.19
CA ARG A 33 12.09 16.40 -14.84
C ARG A 33 12.18 16.30 -16.35
N GLU A 34 11.07 16.50 -17.04
CA GLU A 34 11.03 16.42 -18.50
C GLU A 34 11.62 17.71 -19.06
N LYS A 35 12.57 17.61 -20.01
CA LYS A 35 13.24 18.77 -20.62
C LYS A 35 12.27 19.86 -21.19
N GLN A 36 11.44 19.52 -22.21
CA GLN A 36 10.49 20.44 -22.83
C GLN A 36 9.20 20.56 -21.99
N SER A 37 9.27 21.22 -20.82
CA SER A 37 8.15 21.42 -19.86
C SER A 37 8.70 21.82 -18.50
N LYS A 38 9.79 21.15 -18.08
CA LYS A 38 10.40 21.26 -16.76
C LYS A 38 9.49 20.62 -15.68
N PHE A 39 8.62 19.67 -16.09
CA PHE A 39 7.66 18.99 -15.22
C PHE A 39 8.35 17.95 -14.35
N ILE A 40 8.12 18.03 -13.04
CA ILE A 40 8.73 17.12 -12.07
C ILE A 40 7.89 15.88 -11.81
N LEU A 41 8.50 14.70 -11.98
CA LEU A 41 7.87 13.39 -11.80
C LEU A 41 8.87 12.34 -11.25
N ALA A 42 8.41 11.11 -10.99
CA ALA A 42 9.29 10.06 -10.47
C ALA A 42 9.47 8.97 -11.52
N LEU A 43 10.69 8.47 -11.64
CA LEU A 43 11.01 7.43 -12.61
C LEU A 43 11.39 6.14 -11.89
N LYS A 44 10.48 5.14 -11.91
CA LYS A 44 10.76 3.86 -11.26
C LYS A 44 11.60 2.99 -12.22
N VAL A 45 12.80 2.60 -11.80
CA VAL A 45 13.69 1.79 -12.64
C VAL A 45 13.65 0.30 -12.27
N LEU A 46 13.50 -0.58 -13.26
CA LEU A 46 13.48 -2.03 -13.03
C LEU A 46 14.48 -2.71 -13.97
N PHE A 47 15.47 -3.43 -13.42
CA PHE A 47 16.46 -4.14 -14.25
C PHE A 47 15.90 -5.41 -14.90
N LYS A 48 16.00 -5.49 -16.23
CA LYS A 48 15.48 -6.62 -17.02
C LYS A 48 15.99 -7.99 -16.57
N ALA A 49 17.30 -8.12 -16.28
CA ALA A 49 17.86 -9.39 -15.82
C ALA A 49 17.21 -9.89 -14.54
N GLN A 50 16.90 -8.97 -13.62
CA GLN A 50 16.25 -9.32 -12.35
C GLN A 50 14.81 -9.73 -12.58
N LEU A 51 14.10 -9.04 -13.48
CA LEU A 51 12.73 -9.37 -13.83
C LEU A 51 12.66 -10.76 -14.46
N GLU A 52 13.61 -11.05 -15.36
CA GLU A 52 13.70 -12.32 -16.06
C GLU A 52 14.04 -13.44 -15.09
N LYS A 53 15.10 -13.27 -14.29
CA LYS A 53 15.54 -14.28 -13.32
C LYS A 53 14.45 -14.65 -12.32
N ALA A 54 13.61 -13.68 -11.93
CA ALA A 54 12.53 -13.93 -10.97
C ALA A 54 11.23 -14.40 -11.63
N GLY A 55 11.04 -14.06 -12.90
CA GLY A 55 9.81 -14.41 -13.62
C GLY A 55 8.69 -13.48 -13.20
N VAL A 56 9.00 -12.19 -13.07
CA VAL A 56 8.08 -11.16 -12.58
C VAL A 56 7.32 -10.40 -13.70
N GLU A 57 7.72 -10.60 -14.98
CA GLU A 57 7.16 -9.93 -16.16
C GLU A 57 5.64 -9.89 -16.24
N HIS A 58 4.96 -10.98 -15.87
CA HIS A 58 3.51 -11.04 -15.89
C HIS A 58 2.91 -10.14 -14.83
N GLN A 59 3.52 -10.11 -13.65
CA GLN A 59 3.07 -9.27 -12.56
C GLN A 59 3.37 -7.79 -12.86
N LEU A 60 4.48 -7.50 -13.53
CA LEU A 60 4.80 -6.13 -13.94
C LEU A 60 3.77 -5.63 -14.94
N ARG A 61 3.31 -6.49 -15.86
CA ARG A 61 2.27 -6.17 -16.82
C ARG A 61 0.97 -5.80 -16.09
N ARG A 62 0.59 -6.61 -15.06
CA ARG A 62 -0.60 -6.35 -14.26
C ARG A 62 -0.47 -5.02 -13.50
N GLU A 63 0.72 -4.71 -12.97
CA GLU A 63 0.99 -3.45 -12.28
C GLU A 63 0.75 -2.25 -13.23
N VAL A 64 1.35 -2.27 -14.44
CA VAL A 64 1.22 -1.20 -15.41
C VAL A 64 -0.20 -1.05 -15.99
N GLU A 65 -0.87 -2.17 -16.32
CA GLU A 65 -2.22 -2.10 -16.87
C GLU A 65 -3.24 -1.60 -15.85
N ILE A 66 -3.20 -2.16 -14.63
CA ILE A 66 -4.15 -1.77 -13.58
C ILE A 66 -3.93 -0.33 -13.11
N GLN A 67 -2.71 0.03 -12.70
CA GLN A 67 -2.41 1.36 -12.21
C GLN A 67 -2.64 2.48 -13.21
N SER A 68 -2.25 2.29 -14.48
CA SER A 68 -2.45 3.33 -15.50
C SER A 68 -3.92 3.60 -15.81
N HIS A 69 -4.80 2.61 -15.57
CA HIS A 69 -6.22 2.79 -15.82
C HIS A 69 -7.00 3.11 -14.55
N LEU A 70 -6.38 3.85 -13.62
CA LEU A 70 -7.03 4.27 -12.39
C LEU A 70 -6.87 5.78 -12.25
N ARG A 71 -7.95 6.47 -11.90
CA ARG A 71 -7.92 7.92 -11.70
C ARG A 71 -8.61 8.28 -10.39
N HIS A 72 -7.82 8.61 -9.37
CA HIS A 72 -8.35 8.94 -8.05
C HIS A 72 -7.36 9.82 -7.29
N PRO A 73 -7.85 10.83 -6.56
CA PRO A 73 -6.93 11.73 -5.82
C PRO A 73 -6.07 11.04 -4.78
N ASN A 74 -6.53 9.92 -4.22
CA ASN A 74 -5.79 9.16 -3.22
C ASN A 74 -5.05 7.94 -3.76
N ILE A 75 -4.83 7.89 -5.07
CA ILE A 75 -4.11 6.80 -5.71
C ILE A 75 -3.01 7.42 -6.58
N LEU A 76 -1.77 6.92 -6.48
CA LEU A 76 -0.66 7.42 -7.29
C LEU A 76 -0.93 7.22 -8.78
N ARG A 77 -0.50 8.17 -9.61
CA ARG A 77 -0.72 8.08 -11.04
C ARG A 77 0.43 7.45 -11.79
N LEU A 78 0.09 6.69 -12.84
CA LEU A 78 1.01 6.01 -13.74
C LEU A 78 0.72 6.67 -15.07
N TYR A 79 1.65 7.48 -15.60
CA TYR A 79 1.44 8.19 -16.86
C TYR A 79 1.76 7.33 -18.06
N GLY A 80 2.90 6.63 -18.00
CA GLY A 80 3.32 5.76 -19.07
C GLY A 80 4.57 4.99 -18.74
N TYR A 81 5.21 4.44 -19.76
CA TYR A 81 6.43 3.66 -19.58
C TYR A 81 7.25 3.62 -20.87
N PHE A 82 8.47 3.12 -20.75
CA PHE A 82 9.40 2.92 -21.84
C PHE A 82 10.51 1.98 -21.34
N HIS A 83 11.28 1.43 -22.29
CA HIS A 83 12.38 0.54 -21.92
C HIS A 83 13.55 0.63 -22.87
N ASP A 84 14.73 0.22 -22.40
CA ASP A 84 15.93 0.17 -23.20
C ASP A 84 16.46 -1.31 -23.22
N ALA A 85 17.77 -1.54 -23.41
CA ALA A 85 18.31 -2.90 -23.47
C ALA A 85 18.37 -3.56 -22.11
N THR A 86 18.66 -2.80 -21.04
CA THR A 86 18.82 -3.38 -19.72
C THR A 86 17.78 -3.00 -18.69
N ARG A 87 17.03 -1.90 -18.88
CA ARG A 87 16.07 -1.45 -17.87
C ARG A 87 14.68 -1.16 -18.43
N VAL A 88 13.69 -1.13 -17.54
CA VAL A 88 12.29 -0.79 -17.79
C VAL A 88 12.02 0.41 -16.87
N TYR A 89 11.38 1.47 -17.40
CA TYR A 89 11.11 2.66 -16.62
C TYR A 89 9.63 2.92 -16.50
N LEU A 90 9.17 3.31 -15.32
CA LEU A 90 7.76 3.60 -15.07
C LEU A 90 7.62 5.10 -14.74
N ILE A 91 6.82 5.84 -15.52
CA ILE A 91 6.63 7.28 -15.30
C ILE A 91 5.52 7.50 -14.27
N LEU A 92 5.91 7.87 -13.05
CA LEU A 92 5.02 8.03 -11.92
C LEU A 92 4.83 9.48 -11.51
N GLU A 93 3.67 9.78 -10.94
CA GLU A 93 3.36 11.09 -10.38
C GLU A 93 4.27 11.29 -9.15
N TYR A 94 4.96 12.44 -9.05
CA TYR A 94 5.86 12.69 -7.92
C TYR A 94 5.10 13.03 -6.62
N ALA A 95 5.44 12.33 -5.51
CA ALA A 95 4.83 12.55 -4.19
C ALA A 95 5.82 13.37 -3.36
N PRO A 96 5.56 14.68 -3.23
CA PRO A 96 6.54 15.57 -2.59
C PRO A 96 6.80 15.38 -1.11
N LEU A 97 5.85 14.81 -0.35
CA LEU A 97 6.05 14.68 1.09
C LEU A 97 6.59 13.32 1.58
N GLY A 98 6.98 12.46 0.65
CA GLY A 98 7.55 11.16 1.01
C GLY A 98 6.53 10.11 1.37
N THR A 99 6.95 9.10 2.15
CA THR A 99 6.10 7.98 2.55
C THR A 99 5.42 8.16 3.93
N VAL A 100 4.42 7.32 4.26
CA VAL A 100 3.88 7.32 5.62
C VAL A 100 4.79 6.42 6.54
N TYR A 101 5.75 5.67 5.96
CA TYR A 101 6.74 4.88 6.65
C TYR A 101 7.71 5.88 7.33
N ARG A 102 8.22 6.87 6.56
CA ARG A 102 9.14 7.89 7.06
C ARG A 102 8.43 8.79 8.07
N GLU A 103 7.18 9.20 7.78
CA GLU A 103 6.39 10.02 8.69
C GLU A 103 6.13 9.29 10.02
N LEU A 104 6.08 7.95 10.00
CA LEU A 104 5.90 7.14 11.20
C LEU A 104 7.23 6.96 11.97
N GLN A 105 8.37 7.04 11.29
CA GLN A 105 9.68 6.97 11.94
C GLN A 105 9.94 8.28 12.69
N LYS A 106 9.58 9.44 12.08
CA LYS A 106 9.74 10.74 12.73
C LYS A 106 8.81 10.83 13.96
N LEU A 107 7.49 10.78 13.72
CA LEU A 107 6.46 10.79 14.76
C LEU A 107 6.42 9.33 15.18
N SER A 108 6.89 8.94 16.38
CA SER A 108 6.88 7.52 16.77
C SER A 108 5.50 6.84 16.58
N LYS A 109 4.44 7.57 16.95
CA LYS A 109 3.03 7.17 16.83
C LYS A 109 2.27 8.33 16.17
N PHE A 110 1.04 8.08 15.73
CA PHE A 110 0.19 9.12 15.17
C PHE A 110 -0.95 9.35 16.15
N ASP A 111 -1.49 10.57 16.19
CA ASP A 111 -2.64 10.85 17.04
C ASP A 111 -3.93 10.26 16.39
N GLU A 112 -5.07 10.37 17.08
CA GLU A 112 -6.32 9.85 16.54
C GLU A 112 -6.80 10.59 15.33
N GLN A 113 -6.45 11.88 15.20
CA GLN A 113 -6.89 12.69 14.06
C GLN A 113 -6.12 12.31 12.79
N ARG A 114 -4.79 12.11 12.90
CA ARG A 114 -3.97 11.69 11.77
C ARG A 114 -4.40 10.32 11.29
N THR A 115 -4.57 9.36 12.23
CA THR A 115 -4.98 8.01 11.89
C THR A 115 -6.34 7.98 11.20
N ALA A 116 -7.36 8.64 11.79
CA ALA A 116 -8.69 8.66 11.18
C ALA A 116 -8.69 9.31 9.82
N THR A 117 -7.84 10.31 9.62
CA THR A 117 -7.75 10.98 8.32
C THR A 117 -7.11 10.05 7.30
N TYR A 118 -5.94 9.48 7.64
CA TYR A 118 -5.25 8.54 6.76
C TYR A 118 -6.13 7.33 6.40
N ILE A 119 -6.80 6.72 7.40
CA ILE A 119 -7.71 5.59 7.21
C ILE A 119 -8.91 5.97 6.32
N THR A 120 -9.34 7.25 6.38
CA THR A 120 -10.44 7.73 5.55
C THR A 120 -10.00 7.83 4.09
N GLU A 121 -8.84 8.45 3.84
CA GLU A 121 -8.28 8.57 2.49
C GLU A 121 -7.93 7.19 1.91
N LEU A 122 -7.53 6.26 2.77
CA LEU A 122 -7.21 4.88 2.41
C LEU A 122 -8.49 4.14 2.03
N ALA A 123 -9.55 4.22 2.85
CA ALA A 123 -10.82 3.55 2.55
C ALA A 123 -11.47 4.13 1.30
N ASN A 124 -11.30 5.44 1.06
CA ASN A 124 -11.86 6.07 -0.13
C ASN A 124 -11.18 5.54 -1.39
N ALA A 125 -9.85 5.38 -1.34
CA ALA A 125 -9.08 4.87 -2.47
C ALA A 125 -9.35 3.38 -2.71
N LEU A 126 -9.57 2.60 -1.64
CA LEU A 126 -9.82 1.18 -1.81
C LEU A 126 -11.20 0.89 -2.38
N SER A 127 -12.19 1.74 -2.07
CA SER A 127 -13.56 1.61 -2.59
C SER A 127 -13.60 1.80 -4.10
N TYR A 128 -12.79 2.73 -4.60
CA TYR A 128 -12.69 2.97 -6.03
C TYR A 128 -12.05 1.73 -6.69
N CYS A 129 -11.01 1.17 -6.06
CA CYS A 129 -10.33 -0.04 -6.55
C CYS A 129 -11.32 -1.21 -6.57
N HIS A 130 -12.01 -1.43 -5.45
CA HIS A 130 -12.96 -2.52 -5.28
C HIS A 130 -14.20 -2.38 -6.18
N SER A 131 -14.55 -1.14 -6.59
CA SER A 131 -15.64 -0.90 -7.54
C SER A 131 -15.28 -1.47 -8.93
N LYS A 132 -13.98 -1.52 -9.28
CA LYS A 132 -13.50 -2.10 -10.53
C LYS A 132 -12.97 -3.56 -10.35
N ARG A 133 -13.27 -4.17 -9.18
CA ARG A 133 -12.83 -5.52 -8.79
C ARG A 133 -11.30 -5.63 -8.69
N VAL A 134 -10.60 -4.51 -8.45
CA VAL A 134 -9.15 -4.45 -8.31
C VAL A 134 -8.79 -4.54 -6.83
N ILE A 135 -7.86 -5.44 -6.47
CA ILE A 135 -7.41 -5.55 -5.09
C ILE A 135 -5.92 -5.29 -5.03
N HIS A 136 -5.50 -4.38 -4.15
CA HIS A 136 -4.09 -4.00 -3.99
C HIS A 136 -3.21 -5.13 -3.45
N ARG A 137 -3.61 -5.76 -2.31
CA ARG A 137 -2.92 -6.88 -1.65
C ARG A 137 -1.51 -6.58 -1.12
N ASP A 138 -1.08 -5.30 -1.09
CA ASP A 138 0.27 -4.96 -0.66
C ASP A 138 0.27 -3.59 0.08
N ILE A 139 -0.76 -3.33 0.89
CA ILE A 139 -0.86 -2.07 1.60
C ILE A 139 0.00 -2.11 2.84
N LYS A 140 1.08 -1.33 2.84
CA LYS A 140 2.04 -1.22 3.93
C LYS A 140 2.60 0.22 3.92
N PRO A 141 3.09 0.76 5.07
CA PRO A 141 3.52 2.17 5.09
C PRO A 141 4.47 2.65 3.99
N GLU A 142 5.40 1.79 3.56
CA GLU A 142 6.35 2.12 2.49
C GLU A 142 5.66 2.33 1.13
N ASN A 143 4.45 1.78 0.95
CA ASN A 143 3.70 1.95 -0.30
C ASN A 143 2.57 3.01 -0.20
N LEU A 144 2.49 3.73 0.92
CA LEU A 144 1.54 4.81 1.12
C LEU A 144 2.34 6.12 1.04
N LEU A 145 2.06 6.93 0.02
CA LEU A 145 2.81 8.15 -0.26
C LEU A 145 2.01 9.42 0.06
N LEU A 146 2.68 10.50 0.47
CA LEU A 146 2.00 11.75 0.82
C LEU A 146 2.16 12.80 -0.27
N GLY A 147 1.06 13.14 -0.92
CA GLY A 147 1.02 14.15 -1.97
C GLY A 147 1.22 15.57 -1.48
N SER A 148 1.20 16.51 -2.43
CA SER A 148 1.42 17.96 -2.24
C SER A 148 0.74 18.61 -1.02
N ALA A 149 -0.58 18.40 -0.85
CA ALA A 149 -1.33 18.97 0.27
C ALA A 149 -1.38 18.04 1.51
N GLY A 150 -0.42 17.11 1.61
CA GLY A 150 -0.32 16.16 2.71
C GLY A 150 -1.26 14.97 2.64
N GLU A 151 -1.99 14.83 1.51
CA GLU A 151 -2.95 13.76 1.31
C GLU A 151 -2.28 12.42 1.06
N LEU A 152 -2.97 11.31 1.37
CA LEU A 152 -2.45 9.96 1.15
C LEU A 152 -2.63 9.56 -0.32
N LYS A 153 -1.73 8.70 -0.81
CA LYS A 153 -1.76 8.20 -2.17
C LYS A 153 -1.29 6.75 -2.13
N ILE A 154 -2.07 5.82 -2.69
CA ILE A 154 -1.70 4.41 -2.70
C ILE A 154 -0.81 4.14 -3.88
N ALA A 155 0.37 3.61 -3.62
CA ALA A 155 1.36 3.31 -4.65
C ALA A 155 1.75 1.79 -4.63
N ASP A 156 2.57 1.33 -5.61
CA ASP A 156 3.09 -0.03 -5.72
C ASP A 156 1.98 -1.01 -5.97
N PHE A 157 1.39 -0.93 -7.15
CA PHE A 157 0.37 -1.89 -7.55
C PHE A 157 1.02 -3.19 -8.10
N GLY A 158 2.21 -3.52 -7.59
CA GLY A 158 3.02 -4.66 -7.97
C GLY A 158 2.33 -5.98 -7.76
N TRP A 159 1.58 -6.13 -6.68
CA TRP A 159 0.83 -7.35 -6.41
C TRP A 159 -0.69 -7.17 -6.63
N SER A 160 -1.12 -6.10 -7.32
CA SER A 160 -2.54 -5.88 -7.56
C SER A 160 -3.07 -6.89 -8.57
N VAL A 161 -4.33 -7.29 -8.39
CA VAL A 161 -4.96 -8.30 -9.23
C VAL A 161 -6.48 -8.07 -9.31
N HIS A 162 -7.20 -8.84 -10.14
CA HIS A 162 -8.65 -8.74 -10.25
C HIS A 162 -9.28 -9.85 -9.41
N ALA A 163 -10.11 -9.45 -8.43
CA ALA A 163 -10.79 -10.36 -7.49
C ALA A 163 -11.82 -11.24 -8.19
N PRO A 164 -11.92 -12.52 -7.80
CA PRO A 164 -11.13 -13.21 -6.76
C PRO A 164 -9.78 -13.73 -7.28
N SER A 165 -8.93 -14.25 -6.36
CA SER A 165 -7.61 -14.78 -6.72
C SER A 165 -7.07 -15.79 -5.69
N SER A 166 -5.93 -16.41 -6.00
CA SER A 166 -5.23 -17.37 -5.13
C SER A 166 -3.70 -17.24 -5.21
N ARG A 167 -3.18 -16.36 -6.11
CA ARG A 167 -1.76 -16.12 -6.34
C ARG A 167 -0.98 -15.74 -5.07
N ARG A 168 0.15 -16.41 -4.85
CA ARG A 168 0.99 -16.17 -3.70
C ARG A 168 1.82 -14.90 -3.89
N THR A 169 1.82 -14.02 -2.89
CA THR A 169 2.56 -12.77 -2.94
C THR A 169 3.97 -12.94 -2.34
N TPO A 170 4.11 -12.72 -1.03
CA TPO A 170 5.40 -12.80 -0.38
CB TPO A 170 5.21 -11.79 0.79
CG2 TPO A 170 5.16 -12.27 2.25
OG1 TPO A 170 6.15 -10.72 0.62
P TPO A 170 5.51 -9.33 0.62
O1P TPO A 170 5.70 -8.72 -0.75
O2P TPO A 170 6.24 -8.47 1.64
O3P TPO A 170 4.02 -9.32 0.96
C TPO A 170 5.78 -14.23 -0.02
O TPO A 170 5.08 -14.90 0.73
N LEU A 171 6.88 -14.71 -0.61
CA LEU A 171 7.40 -16.04 -0.26
C LEU A 171 8.06 -15.90 1.12
N CYS A 172 8.93 -14.89 1.28
CA CYS A 172 9.52 -14.58 2.57
C CYS A 172 9.71 -13.08 2.75
N GLY A 173 8.63 -12.36 2.53
CA GLY A 173 8.62 -10.93 2.77
C GLY A 173 8.01 -10.65 4.13
N THR A 174 7.52 -9.44 4.33
CA THR A 174 6.89 -9.09 5.60
C THR A 174 5.47 -9.67 5.60
N LEU A 175 5.24 -10.63 6.51
CA LEU A 175 3.93 -11.23 6.67
C LEU A 175 2.96 -10.32 7.43
N ASP A 176 3.49 -9.40 8.26
CA ASP A 176 2.81 -8.46 9.12
C ASP A 176 1.51 -7.86 8.60
N TYR A 177 1.40 -7.57 7.29
CA TYR A 177 0.17 -6.96 6.75
C TYR A 177 -0.74 -7.90 5.98
N LEU A 178 -0.37 -9.17 5.86
CA LEU A 178 -1.10 -10.17 5.11
C LEU A 178 -2.16 -10.90 5.92
N PRO A 179 -3.37 -11.06 5.35
CA PRO A 179 -4.44 -11.76 6.07
C PRO A 179 -4.20 -13.27 6.15
N PRO A 180 -4.84 -13.98 7.13
CA PRO A 180 -4.62 -15.43 7.25
C PRO A 180 -4.83 -16.23 5.96
N GLU A 181 -5.86 -15.90 5.18
CA GLU A 181 -6.12 -16.61 3.93
C GLU A 181 -5.05 -16.41 2.87
N MET A 182 -4.27 -15.32 2.95
CA MET A 182 -3.23 -15.08 1.97
C MET A 182 -1.98 -15.83 2.34
N ILE A 183 -1.58 -15.79 3.62
CA ILE A 183 -0.39 -16.51 4.06
C ILE A 183 -0.56 -18.03 3.90
N GLU A 184 -1.80 -18.54 3.97
CA GLU A 184 -2.09 -19.95 3.83
C GLU A 184 -2.34 -20.43 2.37
N GLY A 185 -2.30 -19.51 1.41
CA GLY A 185 -2.49 -19.82 0.00
C GLY A 185 -3.92 -20.09 -0.44
N ARG A 186 -4.89 -19.80 0.44
CA ARG A 186 -6.32 -19.99 0.16
C ARG A 186 -6.87 -18.98 -0.89
N MET A 187 -8.15 -19.12 -1.26
CA MET A 187 -8.82 -18.22 -2.18
C MET A 187 -9.12 -16.93 -1.41
N HIS A 188 -8.88 -15.76 -2.03
CA HIS A 188 -9.09 -14.50 -1.35
C HIS A 188 -9.70 -13.42 -2.24
N ASP A 189 -10.34 -12.43 -1.62
CA ASP A 189 -11.04 -11.36 -2.33
C ASP A 189 -10.74 -9.95 -1.74
N GLU A 190 -11.65 -8.97 -1.96
CA GLU A 190 -11.61 -7.59 -1.48
C GLU A 190 -11.37 -7.49 0.04
N LYS A 191 -11.75 -8.53 0.78
CA LYS A 191 -11.59 -8.57 2.23
C LYS A 191 -10.13 -8.61 2.68
N VAL A 192 -9.16 -8.88 1.78
CA VAL A 192 -7.75 -8.88 2.17
C VAL A 192 -7.27 -7.46 2.43
N ASP A 193 -7.72 -6.49 1.60
CA ASP A 193 -7.38 -5.09 1.78
C ASP A 193 -8.01 -4.52 3.06
N LEU A 194 -9.13 -5.09 3.52
CA LEU A 194 -9.80 -4.70 4.76
C LEU A 194 -9.00 -5.18 5.98
N TRP A 195 -8.30 -6.31 5.86
CA TRP A 195 -7.45 -6.80 6.95
C TRP A 195 -6.24 -5.86 7.05
N SER A 196 -5.61 -5.54 5.90
CA SER A 196 -4.45 -4.64 5.83
C SER A 196 -4.76 -3.26 6.39
N LEU A 197 -6.02 -2.81 6.23
CA LEU A 197 -6.51 -1.54 6.74
C LEU A 197 -6.53 -1.54 8.28
N GLY A 198 -6.85 -2.68 8.89
CA GLY A 198 -6.87 -2.81 10.33
C GLY A 198 -5.49 -2.88 10.95
N VAL A 199 -4.56 -3.59 10.28
CA VAL A 199 -3.17 -3.71 10.73
C VAL A 199 -2.52 -2.32 10.69
N LEU A 200 -2.78 -1.58 9.59
CA LEU A 200 -2.32 -0.23 9.37
C LEU A 200 -2.85 0.71 10.43
N CYS A 201 -4.16 0.68 10.70
CA CYS A 201 -4.76 1.50 11.75
C CYS A 201 -4.15 1.20 13.13
N TYR A 202 -3.89 -0.06 13.46
CA TYR A 202 -3.26 -0.42 14.73
C TYR A 202 -1.84 0.12 14.78
N GLU A 203 -1.08 -0.06 13.67
CA GLU A 203 0.28 0.42 13.62
C GLU A 203 0.38 1.93 13.73
N PHE A 204 -0.52 2.66 13.06
CA PHE A 204 -0.54 4.12 13.11
C PHE A 204 -0.66 4.65 14.53
N LEU A 205 -1.55 4.05 15.34
CA LEU A 205 -1.74 4.47 16.72
C LEU A 205 -0.70 3.92 17.71
N VAL A 206 -0.22 2.68 17.53
CA VAL A 206 0.70 2.06 18.49
C VAL A 206 2.20 2.28 18.18
N GLY A 207 2.55 2.24 16.91
CA GLY A 207 3.93 2.39 16.46
C GLY A 207 4.46 1.14 15.80
N LYS A 208 3.88 -0.03 16.11
CA LYS A 208 4.27 -1.31 15.54
C LYS A 208 3.03 -2.13 15.15
N PRO A 209 3.14 -3.05 14.17
CA PRO A 209 1.97 -3.87 13.80
C PRO A 209 1.52 -4.83 14.92
N PRO A 210 0.27 -5.31 14.86
CA PRO A 210 -0.22 -6.16 15.97
C PRO A 210 0.35 -7.56 16.06
N PHE A 211 0.95 -8.08 14.99
CA PHE A 211 1.46 -9.46 15.01
C PHE A 211 2.98 -9.59 14.91
N GLU A 212 3.70 -8.46 15.05
CA GLU A 212 5.15 -8.35 14.97
C GLU A 212 5.86 -9.38 15.83
N ALA A 213 6.88 -10.03 15.25
CA ALA A 213 7.72 -11.00 15.93
C ALA A 213 9.09 -11.11 15.20
N ASN A 214 10.11 -11.61 15.90
CA ASN A 214 11.46 -11.75 15.31
C ASN A 214 11.69 -13.06 14.55
N THR A 215 10.62 -13.77 14.19
CA THR A 215 10.70 -15.04 13.49
C THR A 215 9.48 -15.17 12.60
N TYR A 216 9.64 -15.54 11.32
CA TYR A 216 8.54 -15.71 10.38
C TYR A 216 7.48 -16.71 10.88
N GLN A 217 7.94 -17.74 11.60
CA GLN A 217 7.12 -18.78 12.17
C GLN A 217 6.26 -18.26 13.31
N GLU A 218 6.79 -17.37 14.16
CA GLU A 218 6.01 -16.80 15.26
C GLU A 218 4.96 -15.84 14.73
N THR A 219 5.32 -15.03 13.72
CA THR A 219 4.40 -14.10 13.08
C THR A 219 3.27 -14.89 12.43
N TYR A 220 3.59 -16.00 11.75
CA TYR A 220 2.59 -16.87 11.14
C TYR A 220 1.59 -17.38 12.21
N LYS A 221 2.11 -17.86 13.35
CA LYS A 221 1.31 -18.35 14.46
C LYS A 221 0.37 -17.24 14.98
N ARG A 222 0.94 -16.07 15.29
CA ARG A 222 0.21 -14.93 15.80
C ARG A 222 -0.85 -14.41 14.84
N ILE A 223 -0.62 -14.41 13.50
CA ILE A 223 -1.66 -13.91 12.59
C ILE A 223 -2.75 -14.99 12.37
N SER A 224 -2.38 -16.28 12.22
CA SER A 224 -3.38 -17.33 12.02
C SER A 224 -4.29 -17.52 13.26
N ARG A 225 -3.75 -17.28 14.45
CA ARG A 225 -4.54 -17.35 15.69
C ARG A 225 -5.15 -16.02 16.12
N VAL A 226 -4.92 -14.94 15.36
CA VAL A 226 -5.37 -13.56 15.64
C VAL A 226 -4.95 -13.13 17.07
N GLU A 227 -3.71 -13.45 17.43
CA GLU A 227 -3.16 -13.14 18.74
C GLU A 227 -2.58 -11.74 18.83
N PHE A 228 -3.37 -10.80 19.34
CA PHE A 228 -2.89 -9.44 19.56
C PHE A 228 -3.56 -8.83 20.78
N THR A 229 -2.88 -7.88 21.43
CA THR A 229 -3.43 -7.14 22.57
C THR A 229 -3.18 -5.64 22.37
N PHE A 230 -4.08 -4.82 22.89
CA PHE A 230 -3.98 -3.38 22.76
C PHE A 230 -3.28 -2.80 23.96
N PRO A 231 -2.25 -1.96 23.76
CA PRO A 231 -1.66 -1.26 24.92
C PRO A 231 -2.70 -0.30 25.56
N ASP A 232 -2.50 0.02 26.85
CA ASP A 232 -3.42 0.85 27.64
C ASP A 232 -4.01 2.09 26.96
N PHE A 233 -3.20 2.85 26.21
CA PHE A 233 -3.65 4.10 25.61
C PHE A 233 -4.66 3.99 24.48
N VAL A 234 -4.84 2.81 23.87
CA VAL A 234 -5.77 2.69 22.73
C VAL A 234 -7.22 2.87 23.19
N THR A 235 -7.93 3.85 22.59
CA THR A 235 -9.30 4.14 22.99
C THR A 235 -10.31 3.10 22.52
N GLU A 236 -11.42 2.96 23.24
CA GLU A 236 -12.48 2.00 22.96
C GLU A 236 -13.05 2.08 21.53
N GLY A 237 -13.04 3.29 20.97
CA GLY A 237 -13.51 3.52 19.60
C GLY A 237 -12.55 2.95 18.57
N ALA A 238 -11.24 2.98 18.88
CA ALA A 238 -10.19 2.43 18.01
C ALA A 238 -10.16 0.91 18.19
N ARG A 239 -10.27 0.44 19.46
CA ARG A 239 -10.33 -0.99 19.79
C ARG A 239 -11.47 -1.67 19.06
N ASP A 240 -12.63 -1.01 18.98
CA ASP A 240 -13.77 -1.55 18.27
C ASP A 240 -13.45 -1.69 16.79
N LEU A 241 -13.00 -0.62 16.13
CA LEU A 241 -12.70 -0.66 14.69
C LEU A 241 -11.64 -1.69 14.31
N ILE A 242 -10.52 -1.71 15.05
CA ILE A 242 -9.44 -2.66 14.80
C ILE A 242 -9.94 -4.11 14.93
N SER A 243 -10.67 -4.40 16.01
CA SER A 243 -11.19 -5.75 16.26
C SER A 243 -12.22 -6.20 15.20
N ARG A 244 -12.97 -5.25 14.64
CA ARG A 244 -13.94 -5.57 13.60
C ARG A 244 -13.21 -5.90 12.29
N LEU A 245 -12.14 -5.16 11.96
CA LEU A 245 -11.36 -5.40 10.76
C LEU A 245 -10.52 -6.68 10.83
N LEU A 246 -9.95 -6.97 12.01
CA LEU A 246 -9.08 -8.12 12.16
C LEU A 246 -9.78 -9.41 12.61
N LYS A 247 -10.65 -9.94 11.77
CA LYS A 247 -11.33 -11.20 12.03
C LYS A 247 -10.75 -12.27 11.09
N HIS A 248 -10.61 -13.51 11.57
CA HIS A 248 -10.06 -14.61 10.76
C HIS A 248 -10.92 -14.89 9.54
N ASN A 249 -12.25 -14.90 9.73
CA ASN A 249 -13.22 -15.16 8.68
C ASN A 249 -13.41 -13.89 7.86
N PRO A 250 -13.01 -13.93 6.58
CA PRO A 250 -13.16 -12.73 5.74
C PRO A 250 -14.58 -12.21 5.63
N SER A 251 -15.61 -13.09 5.71
CA SER A 251 -17.01 -12.67 5.63
C SER A 251 -17.44 -11.81 6.84
N GLN A 252 -16.85 -12.08 8.02
CA GLN A 252 -17.13 -11.32 9.24
C GLN A 252 -16.45 -9.93 9.27
N ARG A 253 -15.76 -9.53 8.19
CA ARG A 253 -15.08 -8.24 8.10
C ARG A 253 -16.03 -7.19 7.53
N PRO A 254 -15.93 -5.94 7.99
CA PRO A 254 -16.87 -4.92 7.52
C PRO A 254 -16.65 -4.43 6.10
N MET A 255 -17.63 -3.70 5.58
CA MET A 255 -17.56 -3.08 4.26
C MET A 255 -16.82 -1.74 4.42
N LEU A 256 -16.32 -1.19 3.31
CA LEU A 256 -15.58 0.07 3.37
C LEU A 256 -16.46 1.26 3.80
N ARG A 257 -17.77 1.23 3.51
CA ARG A 257 -18.67 2.30 3.95
C ARG A 257 -18.88 2.30 5.46
N GLU A 258 -18.83 1.11 6.09
CA GLU A 258 -18.96 1.03 7.55
C GLU A 258 -17.70 1.55 8.26
N VAL A 259 -16.54 1.50 7.59
CA VAL A 259 -15.30 2.04 8.14
C VAL A 259 -15.37 3.56 8.04
N LEU A 260 -15.80 4.08 6.87
CA LEU A 260 -15.97 5.51 6.62
C LEU A 260 -17.04 6.13 7.52
N GLU A 261 -18.06 5.34 7.91
CA GLU A 261 -19.16 5.77 8.78
C GLU A 261 -19.00 5.35 10.25
N HIS A 262 -17.83 4.82 10.63
CA HIS A 262 -17.61 4.38 12.02
C HIS A 262 -17.55 5.60 12.93
N PRO A 263 -18.21 5.52 14.11
CA PRO A 263 -18.19 6.67 15.03
C PRO A 263 -16.83 7.24 15.35
N TRP A 264 -15.81 6.40 15.59
CA TRP A 264 -14.46 6.88 15.90
C TRP A 264 -13.78 7.54 14.70
N ILE A 265 -14.17 7.14 13.47
CA ILE A 265 -13.62 7.75 12.27
C ILE A 265 -14.20 9.13 12.09
N THR A 266 -15.54 9.25 12.10
CA THR A 266 -16.25 10.53 11.95
C THR A 266 -15.91 11.56 13.05
N ALA A 267 -15.59 11.10 14.26
CA ALA A 267 -15.25 12.01 15.36
C ALA A 267 -13.82 12.56 15.27
N ASN A 268 -12.92 11.92 14.49
CA ASN A 268 -11.53 12.39 14.42
C ASN A 268 -11.02 12.75 13.02
N SER A 269 -11.79 12.44 11.96
CA SER A 269 -11.34 12.74 10.60
C SER A 269 -11.54 14.21 10.22
N SER A 270 -10.57 14.79 9.50
CA SER A 270 -10.59 16.18 9.06
C SER A 270 -11.37 16.33 7.75
N LYS A 271 -12.57 16.92 7.80
CA LYS A 271 -13.39 17.13 6.61
C LYS A 271 -12.81 18.22 5.70
MG MG B . 7.19 -1.07 -2.21
C10 T4X C . 10.40 -6.21 -21.54
C13 T4X C . 6.46 -5.40 -18.77
C20 T4X C . 7.18 -3.63 -20.26
C21 T4X C . 8.33 -4.37 -20.55
O01 T4X C . 11.56 -6.00 -24.11
C02 T4X C . 12.21 -6.67 -23.29
O03 T4X C . 13.32 -7.21 -23.52
C04 T4X C . 11.59 -6.85 -21.88
C05 T4X C . 12.23 -7.62 -20.91
C06 T4X C . 11.67 -7.74 -19.63
O07 T4X C . 12.30 -8.49 -18.66
C08 T4X C . 10.48 -7.10 -19.30
C09 T4X C . 9.83 -6.34 -20.28
C11 T4X C . 8.59 -5.62 -19.96
C12 T4X C . 7.62 -6.10 -19.07
C14 T4X C . 6.24 -4.15 -19.36
O15 T4X C . 5.09 -3.42 -19.07
C16 T4X C . 3.90 -3.83 -19.70
F17 T4X C . 4.10 -4.01 -21.00
F18 T4X C . 3.01 -2.86 -19.55
F19 T4X C . 3.41 -4.93 -19.16
MG MG D . 6.77 -4.03 -6.51
PB ADP E . 9.04 -1.66 -5.14
O1B ADP E . 10.16 -2.20 -5.95
O2B ADP E . 9.09 -1.84 -3.67
O3B ADP E . 7.66 -2.26 -5.67
PA ADP E . 7.92 1.10 -4.98
O1A ADP E . 7.08 1.56 -6.11
O2A ADP E . 7.28 0.72 -3.70
O3A ADP E . 8.85 -0.11 -5.49
O5' ADP E . 8.99 2.23 -4.67
C5' ADP E . 10.03 2.01 -3.69
C4' ADP E . 10.22 3.26 -2.88
O4' ADP E . 10.40 4.38 -3.77
C3' ADP E . 9.02 3.66 -2.03
O3' ADP E . 8.96 2.92 -0.81
C2' ADP E . 9.23 5.17 -1.87
O2' ADP E . 10.22 5.51 -0.91
C1' ADP E . 9.79 5.55 -3.24
N9 ADP E . 8.81 6.03 -4.20
C8 ADP E . 8.13 5.28 -5.11
N7 ADP E . 7.33 5.97 -5.89
C5 ADP E . 7.50 7.28 -5.45
C6 ADP E . 6.96 8.50 -5.89
N6 ADP E . 6.09 8.62 -6.90
N1 ADP E . 7.37 9.63 -5.26
C2 ADP E . 8.25 9.52 -4.25
N3 ADP E . 8.82 8.42 -3.76
C4 ADP E . 8.40 7.32 -4.41
#